data_5XE7
#
_entry.id   5XE7
#
_cell.length_a   74.457
_cell.length_b   133.599
_cell.length_c   133.498
_cell.angle_alpha   90.00
_cell.angle_beta   90.00
_cell.angle_gamma   90.00
#
_symmetry.space_group_name_H-M   'I 2 2 2'
#
loop_
_entity.id
_entity.type
_entity.pdbx_description
1 polymer 'ECF RNA polymerase sigma factor SigJ'
2 water water
#
_entity_poly.entity_id   1
_entity_poly.type   'polypeptide(L)'
_entity_poly.pdbx_seq_one_letter_code
;GSH(MSE)AS(MSE)EVSEFEALRQHL(MSE)SVAYRLTGTVADAEDIVQEAWLRWDSPDTVIADPRAWLTTVVSRLGLD
KLRSAAHRRETYTGTWLPEPVVTGLDATDPLAAVVAAEDARFAA(MSE)VVLERLRPDQRVAFVLHDGFAVPFAEVAEVL
GTSEAAARQLASRARKAVTAQPALISGDPDPAHNEVVGRL(MSE)AA(MSE)AAGDLDTVVSLLHPDVTFTGDSNGKAPT
AVRAVRGSDKVVRFILGLVQRYGPGLFGANQLALVNGELGAYTAGLPGVDGYRA(MSE)APRITAITVRDGKVCALWDIA
NPDKFTGSPLKERRAQPTGR
;
_entity_poly.pdbx_strand_id   A,B
#
# COMPACT_ATOMS: atom_id res chain seq x y z
N GLU A 8 -11.93 -26.27 4.04
CA GLU A 8 -11.71 -26.21 5.48
C GLU A 8 -10.30 -25.71 5.81
N VAL A 9 -9.30 -26.52 5.52
CA VAL A 9 -7.90 -26.19 5.82
C VAL A 9 -7.40 -24.97 5.01
N SER A 10 -7.84 -24.85 3.76
CA SER A 10 -7.40 -23.78 2.87
C SER A 10 -7.75 -22.38 3.40
N GLU A 11 -9.04 -22.12 3.54
CA GLU A 11 -9.54 -20.87 4.12
C GLU A 11 -8.92 -20.62 5.49
N PHE A 12 -8.64 -21.71 6.21
CA PHE A 12 -8.03 -21.68 7.54
C PHE A 12 -6.59 -21.20 7.47
N GLU A 13 -5.80 -21.85 6.62
CA GLU A 13 -4.38 -21.54 6.51
C GLU A 13 -4.15 -20.13 5.99
N ALA A 14 -5.04 -19.68 5.12
CA ALA A 14 -4.97 -18.34 4.56
C ALA A 14 -5.13 -17.27 5.65
N LEU A 15 -6.04 -17.53 6.58
CA LEU A 15 -6.29 -16.61 7.69
C LEU A 15 -5.14 -16.59 8.67
N ARG A 16 -4.70 -17.77 9.08
CA ARG A 16 -3.58 -17.88 10.03
C ARG A 16 -2.32 -17.27 9.44
N GLN A 17 -2.16 -17.38 8.13
CA GLN A 17 -1.08 -16.71 7.44
C GLN A 17 -1.23 -15.20 7.59
N HIS A 18 -2.45 -14.72 7.35
CA HIS A 18 -2.78 -13.31 7.57
C HIS A 18 -2.54 -12.93 9.03
N LEU A 19 -2.88 -13.82 9.94
CA LEU A 19 -2.67 -13.58 11.37
C LEU A 19 -1.19 -13.57 11.72
N SER A 21 1.20 -12.98 9.45
CA SER A 21 1.71 -11.84 8.70
C SER A 21 1.66 -10.55 9.51
N VAL A 22 0.52 -10.31 10.16
CA VAL A 22 0.36 -9.09 10.94
C VAL A 22 1.12 -9.19 12.26
N ALA A 23 1.06 -10.36 12.89
CA ALA A 23 1.64 -10.55 14.23
C ALA A 23 3.15 -10.33 14.27
N TYR A 24 3.88 -11.03 13.39
CA TYR A 24 5.33 -10.89 13.34
C TYR A 24 5.76 -9.45 13.09
N ARG A 25 4.97 -8.74 12.28
CA ARG A 25 5.26 -7.35 11.97
C ARG A 25 4.92 -6.41 13.12
N LEU A 26 3.89 -6.75 13.89
CA LEU A 26 3.53 -5.97 15.07
C LEU A 26 4.69 -5.91 16.06
N THR A 27 5.41 -7.01 16.19
CA THR A 27 6.67 -7.02 16.91
C THR A 27 7.80 -7.03 15.89
N GLY A 28 8.89 -7.75 16.20
CA GLY A 28 9.97 -7.95 15.25
C GLY A 28 10.55 -9.32 15.49
N THR A 29 9.73 -10.18 16.10
CA THR A 29 10.11 -11.52 16.52
C THR A 29 9.08 -12.52 15.99
N VAL A 30 9.53 -13.70 15.57
CA VAL A 30 8.61 -14.71 15.04
C VAL A 30 8.17 -15.63 16.18
N ALA A 31 8.87 -15.56 17.30
CA ALA A 31 8.45 -16.25 18.52
C ALA A 31 7.37 -15.41 19.22
N ASP A 32 7.51 -14.09 19.16
CA ASP A 32 6.52 -13.17 19.74
C ASP A 32 5.21 -13.22 18.96
N ALA A 33 5.28 -13.62 17.69
CA ALA A 33 4.09 -13.79 16.87
C ALA A 33 3.50 -15.18 17.09
N GLU A 34 4.38 -16.13 17.32
CA GLU A 34 4.00 -17.52 17.54
C GLU A 34 3.21 -17.68 18.83
N ASP A 35 3.42 -16.76 19.76
CA ASP A 35 2.74 -16.80 21.05
C ASP A 35 1.52 -15.91 21.10
N ILE A 36 1.43 -14.96 20.17
CA ILE A 36 0.28 -14.06 20.12
C ILE A 36 -0.86 -14.64 19.29
N VAL A 37 -0.50 -15.35 18.23
CA VAL A 37 -1.48 -16.09 17.42
C VAL A 37 -1.97 -17.30 18.23
N GLN A 38 -1.16 -17.70 19.20
CA GLN A 38 -1.50 -18.79 20.12
C GLN A 38 -2.81 -18.55 20.87
N GLU A 39 -3.08 -17.30 21.19
CA GLU A 39 -4.30 -16.98 21.92
C GLU A 39 -5.48 -16.73 21.01
N ALA A 40 -5.20 -16.28 19.79
CA ALA A 40 -6.24 -16.02 18.78
C ALA A 40 -7.26 -17.16 18.71
N TRP A 41 -6.76 -18.38 18.57
CA TRP A 41 -7.59 -19.57 18.59
C TRP A 41 -8.42 -19.65 19.87
N LEU A 42 -7.74 -19.50 21.01
CA LEU A 42 -8.37 -19.60 22.32
C LEU A 42 -9.39 -18.50 22.56
N ARG A 43 -9.20 -17.36 21.90
CA ARG A 43 -10.08 -16.21 22.07
C ARG A 43 -11.08 -16.11 20.92
N TRP A 44 -11.12 -17.14 20.07
CA TRP A 44 -12.09 -17.22 18.99
C TRP A 44 -13.50 -17.30 19.55
N ASP A 45 -13.60 -17.95 20.71
CA ASP A 45 -14.88 -18.32 21.34
C ASP A 45 -16.01 -17.30 21.24
N SER A 46 -17.24 -17.79 21.18
CA SER A 46 -18.41 -16.94 21.04
C SER A 46 -19.63 -17.54 21.72
N THR A 49 -18.62 -17.83 15.17
CA THR A 49 -19.95 -17.89 15.77
C THR A 49 -20.99 -18.37 14.77
N VAL A 50 -22.26 -18.09 15.06
CA VAL A 50 -23.34 -18.36 14.12
C VAL A 50 -23.14 -17.51 12.88
N ILE A 51 -23.25 -16.20 13.07
CA ILE A 51 -22.74 -15.24 12.11
C ILE A 51 -21.50 -14.59 12.71
N ALA A 52 -20.42 -14.53 11.93
CA ALA A 52 -19.16 -13.98 12.42
C ALA A 52 -18.20 -13.63 11.28
N ASP A 53 -17.27 -12.73 11.57
CA ASP A 53 -16.16 -12.44 10.66
C ASP A 53 -14.84 -12.70 11.38
N PRO A 54 -14.42 -13.96 11.38
CA PRO A 54 -13.19 -14.41 12.05
C PRO A 54 -11.96 -13.64 11.64
N ARG A 55 -11.93 -13.17 10.40
CA ARG A 55 -10.78 -12.46 9.87
C ARG A 55 -10.56 -11.13 10.56
N ALA A 56 -11.60 -10.30 10.60
CA ALA A 56 -11.50 -8.97 11.21
C ALA A 56 -11.38 -9.02 12.73
N TRP A 57 -11.94 -10.07 13.33
CA TRP A 57 -11.94 -10.23 14.77
C TRP A 57 -10.58 -10.65 15.32
N LEU A 58 -9.98 -11.66 14.69
CA LEU A 58 -8.71 -12.21 15.15
C LEU A 58 -7.54 -11.24 14.99
N THR A 59 -7.66 -10.31 14.05
CA THR A 59 -6.65 -9.26 13.89
C THR A 59 -6.59 -8.43 15.15
N THR A 60 -7.72 -7.84 15.52
CA THR A 60 -7.83 -7.05 16.75
C THR A 60 -7.28 -7.81 17.94
N VAL A 61 -7.73 -9.04 18.10
CA VAL A 61 -7.22 -9.95 19.11
C VAL A 61 -5.70 -10.03 19.06
N VAL A 62 -5.16 -10.33 17.88
CA VAL A 62 -3.71 -10.39 17.68
C VAL A 62 -3.07 -9.01 17.79
N SER A 63 -3.68 -8.01 17.17
CA SER A 63 -3.16 -6.65 17.20
C SER A 63 -3.02 -6.12 18.62
N ARG A 64 -4.02 -6.42 19.45
CA ARG A 64 -4.01 -6.00 20.83
C ARG A 64 -2.95 -6.77 21.61
N LEU A 65 -2.88 -8.08 21.37
CA LEU A 65 -1.83 -8.91 21.95
C LEU A 65 -0.46 -8.47 21.44
N GLY A 66 -0.43 -7.99 20.19
CA GLY A 66 0.79 -7.44 19.63
C GLY A 66 1.17 -6.17 20.38
N LEU A 67 0.17 -5.44 20.84
CA LEU A 67 0.41 -4.22 21.60
C LEU A 67 0.81 -4.58 23.03
N ASP A 68 0.33 -5.72 23.50
CA ASP A 68 0.69 -6.23 24.83
C ASP A 68 2.19 -6.48 24.92
N LYS A 69 2.79 -6.82 23.78
CA LYS A 69 4.24 -7.04 23.71
C LYS A 69 5.01 -5.74 23.63
N LEU A 70 4.57 -4.85 22.72
CA LEU A 70 5.20 -3.55 22.56
C LEU A 70 5.14 -2.73 23.85
N GLU A 78 19.46 -12.63 30.40
CA GLU A 78 18.86 -12.16 29.17
C GLU A 78 18.84 -10.64 29.13
N THR A 79 18.96 -10.09 27.92
CA THR A 79 18.96 -8.65 27.69
C THR A 79 19.81 -7.86 28.69
N TYR A 80 21.12 -7.94 28.53
CA TYR A 80 22.05 -7.20 29.37
C TYR A 80 23.08 -6.49 28.50
N THR A 81 22.85 -6.51 27.19
CA THR A 81 23.77 -5.91 26.23
C THR A 81 23.09 -4.79 25.46
N GLY A 82 23.52 -4.55 24.22
CA GLY A 82 23.00 -3.43 23.47
C GLY A 82 22.82 -3.57 21.97
N THR A 83 22.23 -2.55 21.36
CA THR A 83 21.97 -2.47 19.92
C THR A 83 21.01 -3.58 19.44
N TRP A 84 19.74 -3.43 19.78
CA TRP A 84 18.70 -4.39 19.41
C TRP A 84 18.39 -4.39 17.91
N LEU A 85 18.06 -5.58 17.39
CA LEU A 85 17.63 -5.75 16.01
C LEU A 85 16.53 -6.81 15.90
N PRO A 86 15.68 -6.71 14.87
CA PRO A 86 14.55 -7.64 14.66
C PRO A 86 14.96 -9.05 14.29
N GLU A 87 14.17 -10.03 14.76
CA GLU A 87 14.36 -11.41 14.34
C GLU A 87 13.95 -11.59 12.88
N PRO A 88 14.85 -12.18 12.08
CA PRO A 88 14.59 -12.38 10.66
C PRO A 88 13.83 -13.68 10.37
N VAL A 89 13.21 -13.75 9.20
CA VAL A 89 12.61 -14.99 8.72
C VAL A 89 13.40 -15.46 7.50
N VAL A 90 13.88 -16.69 7.55
CA VAL A 90 14.73 -17.21 6.49
C VAL A 90 14.12 -18.43 5.81
N THR A 91 13.62 -18.24 4.58
CA THR A 91 12.99 -19.31 3.83
C THR A 91 13.86 -19.76 2.68
N GLY A 92 13.65 -21.00 2.22
CA GLY A 92 14.35 -21.50 1.06
C GLY A 92 13.98 -20.72 -0.19
N LEU A 93 14.67 -21.01 -1.29
CA LEU A 93 14.55 -20.23 -2.52
C LEU A 93 13.27 -20.54 -3.28
N ASP A 94 12.58 -21.59 -2.87
CA ASP A 94 11.28 -21.92 -3.45
C ASP A 94 10.19 -21.09 -2.79
N ALA A 95 10.48 -20.61 -1.59
CA ALA A 95 9.53 -19.84 -0.78
C ALA A 95 8.23 -20.61 -0.57
N THR A 96 8.36 -21.91 -0.34
CA THR A 96 7.22 -22.77 -0.07
C THR A 96 7.01 -22.91 1.44
N ASP A 97 7.97 -22.41 2.21
CA ASP A 97 7.92 -22.48 3.67
C ASP A 97 6.69 -21.78 4.24
N PRO A 98 6.23 -22.24 5.42
CA PRO A 98 5.04 -21.66 6.07
C PRO A 98 5.26 -20.24 6.56
N LEU A 99 6.52 -19.85 6.80
CA LEU A 99 6.83 -18.52 7.28
C LEU A 99 7.09 -17.57 6.10
N ALA A 100 7.06 -18.12 4.89
CA ALA A 100 7.30 -17.31 3.69
C ALA A 100 6.18 -16.32 3.45
N ALA A 101 4.94 -16.79 3.55
CA ALA A 101 3.77 -15.94 3.36
C ALA A 101 3.75 -14.75 4.33
N VAL A 102 4.35 -14.93 5.51
CA VAL A 102 4.52 -13.85 6.47
C VAL A 102 5.27 -12.68 5.87
N VAL A 103 6.44 -12.98 5.30
CA VAL A 103 7.36 -11.96 4.83
C VAL A 103 7.34 -11.78 3.31
N ALA A 104 6.32 -12.34 2.66
CA ALA A 104 6.16 -12.16 1.22
C ALA A 104 5.95 -10.70 0.87
N ALA A 105 5.40 -9.94 1.81
CA ALA A 105 5.22 -8.50 1.65
C ALA A 105 6.58 -7.79 1.57
N GLU A 106 6.69 -6.82 0.67
CA GLU A 106 7.94 -6.10 0.47
C GLU A 106 8.25 -5.17 1.64
N ASP A 107 7.20 -4.77 2.36
CA ASP A 107 7.37 -3.92 3.54
C ASP A 107 7.72 -4.75 4.77
N ALA A 108 7.94 -6.04 4.57
CA ALA A 108 8.41 -6.91 5.63
C ALA A 108 9.92 -7.09 5.50
N ARG A 109 10.52 -6.30 4.61
CA ARG A 109 11.96 -6.30 4.39
C ARG A 109 12.70 -5.93 5.68
N PHE A 110 13.88 -6.50 5.87
CA PHE A 110 14.61 -6.31 7.12
C PHE A 110 14.89 -4.83 7.40
N ALA A 111 15.25 -4.10 6.36
CA ALA A 111 15.44 -2.66 6.48
C ALA A 111 14.17 -1.99 7.02
N ALA A 112 13.04 -2.36 6.43
CA ALA A 112 11.74 -1.80 6.84
C ALA A 112 11.41 -2.19 8.29
N VAL A 114 13.64 -3.10 10.83
CA VAL A 114 14.51 -2.44 11.82
C VAL A 114 14.07 -0.98 12.01
N VAL A 115 13.49 -0.40 10.98
CA VAL A 115 12.91 0.93 11.08
C VAL A 115 11.80 0.90 12.11
N LEU A 116 11.03 -0.19 12.09
CA LEU A 116 9.88 -0.35 12.96
C LEU A 116 10.25 -0.75 14.38
N GLU A 117 11.30 -1.55 14.53
CA GLU A 117 11.74 -2.00 15.84
C GLU A 117 12.80 -1.08 16.43
N ARG A 118 12.87 -1.03 17.76
CA ARG A 118 13.76 -0.13 18.48
C ARG A 118 13.56 1.33 18.06
N LEU A 119 12.31 1.68 17.73
CA LEU A 119 12.00 3.01 17.23
C LEU A 119 10.54 3.39 17.52
N ARG A 120 9.61 2.51 17.16
CA ARG A 120 8.19 2.80 17.37
C ARG A 120 7.44 1.66 18.06
N PRO A 121 7.36 1.71 19.40
CA PRO A 121 6.45 0.89 20.20
C PRO A 121 5.17 1.66 20.48
N ASP A 122 4.76 2.48 19.53
CA ASP A 122 3.60 3.34 19.69
C ASP A 122 2.99 3.66 18.35
N GLN A 123 3.81 4.16 17.44
CA GLN A 123 3.36 4.50 16.09
C GLN A 123 3.32 3.26 15.21
N ARG A 124 3.59 2.11 15.78
CA ARG A 124 3.65 0.86 15.03
C ARG A 124 2.29 0.38 14.52
N VAL A 125 1.39 0.08 15.44
CA VAL A 125 0.09 -0.47 15.11
C VAL A 125 -0.70 0.40 14.13
N ALA A 126 -0.60 1.72 14.29
CA ALA A 126 -1.30 2.65 13.41
C ALA A 126 -0.72 2.66 11.99
N PHE A 127 0.61 2.63 11.88
CA PHE A 127 1.27 2.61 10.58
C PHE A 127 1.15 1.25 9.90
N VAL A 128 1.54 0.21 10.64
CA VAL A 128 1.51 -1.16 10.11
C VAL A 128 0.15 -1.55 9.58
N LEU A 129 -0.87 -1.43 10.44
CA LEU A 129 -2.23 -1.80 10.07
C LEU A 129 -2.70 -1.03 8.85
N HIS A 130 -2.33 0.24 8.73
CA HIS A 130 -2.84 1.03 7.62
C HIS A 130 -1.94 1.02 6.39
N ASP A 131 -0.68 1.42 6.55
CA ASP A 131 0.25 1.43 5.43
C ASP A 131 0.41 0.03 4.88
N GLY A 132 0.82 -0.89 5.75
CA GLY A 132 1.12 -2.24 5.35
C GLY A 132 -0.11 -3.05 4.98
N PHE A 133 -1.07 -3.11 5.89
CA PHE A 133 -2.17 -4.06 5.77
C PHE A 133 -3.47 -3.42 5.32
N ALA A 134 -3.40 -2.15 4.94
CA ALA A 134 -4.55 -1.44 4.38
C ALA A 134 -5.81 -1.53 5.25
N VAL A 135 -5.63 -1.37 6.56
CA VAL A 135 -6.77 -1.34 7.47
C VAL A 135 -7.22 0.11 7.67
N PRO A 136 -8.51 0.39 7.41
CA PRO A 136 -9.01 1.75 7.57
C PRO A 136 -8.90 2.24 9.02
N PHE A 137 -8.84 3.55 9.22
CA PHE A 137 -8.52 4.11 10.53
C PHE A 137 -9.59 3.87 11.58
N ALA A 138 -10.86 3.83 11.17
CA ALA A 138 -11.96 3.55 12.08
C ALA A 138 -11.75 2.22 12.81
N GLU A 139 -11.26 1.22 12.08
CA GLU A 139 -11.01 -0.11 12.62
C GLU A 139 -9.70 -0.13 13.40
N VAL A 140 -8.72 0.61 12.92
CA VAL A 140 -7.48 0.81 13.65
C VAL A 140 -7.78 1.56 14.95
N ALA A 141 -8.71 2.50 14.88
CA ALA A 141 -9.12 3.27 16.06
C ALA A 141 -9.73 2.38 17.12
N GLU A 142 -10.31 1.26 16.68
CA GLU A 142 -10.95 0.33 17.59
C GLU A 142 -9.92 -0.27 18.55
N VAL A 143 -8.94 -1.01 18.02
CA VAL A 143 -7.86 -1.52 18.87
C VAL A 143 -7.13 -0.38 19.56
N LEU A 144 -6.99 0.75 18.87
CA LEU A 144 -6.35 1.93 19.45
C LEU A 144 -7.09 2.41 20.68
N GLY A 145 -8.29 2.96 20.48
CA GLY A 145 -9.12 3.38 21.59
C GLY A 145 -9.67 4.79 21.48
N THR A 146 -9.47 5.43 20.33
CA THR A 146 -9.85 6.84 20.21
C THR A 146 -10.40 7.23 18.83
N SER A 147 -10.34 8.52 18.54
CA SER A 147 -10.91 9.13 17.33
C SER A 147 -10.42 8.55 16.01
N GLU A 148 -11.13 8.88 14.94
CA GLU A 148 -10.70 8.56 13.58
C GLU A 148 -9.41 9.30 13.24
N ALA A 149 -9.46 10.63 13.22
CA ALA A 149 -8.29 11.46 12.92
C ALA A 149 -7.17 11.25 13.93
N ALA A 150 -7.49 10.67 15.07
CA ALA A 150 -6.48 10.38 16.09
C ALA A 150 -5.71 9.11 15.76
N ALA A 151 -6.25 8.30 14.86
CA ALA A 151 -5.55 7.13 14.36
C ALA A 151 -4.62 7.53 13.23
N ARG A 152 -5.09 8.45 12.40
CA ARG A 152 -4.31 8.98 11.28
C ARG A 152 -3.16 9.85 11.75
N GLN A 153 -3.29 10.42 12.94
CA GLN A 153 -2.28 11.33 13.48
C GLN A 153 -1.20 10.57 14.22
N LEU A 154 -1.59 9.47 14.87
CA LEU A 154 -0.63 8.59 15.51
C LEU A 154 0.04 7.75 14.42
N ALA A 155 -0.58 7.72 13.25
CA ALA A 155 0.01 7.08 12.08
C ALA A 155 0.87 8.06 11.27
N SER A 156 0.49 9.33 11.31
CA SER A 156 1.22 10.37 10.57
C SER A 156 2.58 10.65 11.20
N ARG A 157 2.67 10.47 12.51
CA ARG A 157 3.92 10.68 13.23
C ARG A 157 4.85 9.48 13.05
N ALA A 158 4.39 8.48 12.32
CA ALA A 158 5.18 7.30 12.01
C ALA A 158 5.80 7.44 10.63
N ARG A 159 4.99 7.87 9.68
CA ARG A 159 5.43 8.06 8.30
C ARG A 159 6.49 9.14 8.21
N LYS A 160 6.52 10.02 9.21
CA LYS A 160 7.56 11.04 9.32
C LYS A 160 8.84 10.49 9.95
N ALA A 161 8.68 9.53 10.86
CA ALA A 161 9.81 8.98 11.58
C ALA A 161 10.72 8.13 10.68
N VAL A 162 10.29 7.88 9.46
CA VAL A 162 11.14 7.23 8.46
C VAL A 162 12.35 8.11 8.19
N THR A 163 12.12 9.43 8.19
CA THR A 163 13.22 10.39 8.10
C THR A 163 13.29 11.23 9.38
N ASP A 174 15.18 -1.51 -5.01
CA ASP A 174 15.70 -1.79 -6.34
C ASP A 174 15.43 -3.22 -6.76
N PRO A 175 15.21 -3.43 -8.08
CA PRO A 175 15.08 -4.77 -8.64
C PRO A 175 16.43 -5.42 -8.90
N ALA A 176 17.50 -4.70 -8.58
CA ALA A 176 18.86 -5.19 -8.80
C ALA A 176 19.37 -6.04 -7.65
N HIS A 177 18.52 -6.30 -6.66
CA HIS A 177 18.94 -6.97 -5.42
C HIS A 177 19.73 -8.24 -5.63
N ASN A 178 19.19 -9.15 -6.44
CA ASN A 178 19.86 -10.43 -6.67
C ASN A 178 21.11 -10.23 -7.51
N GLU A 179 21.03 -9.33 -8.49
CA GLU A 179 22.18 -8.94 -9.29
C GLU A 179 23.28 -8.33 -8.43
N VAL A 180 22.89 -7.48 -7.49
CA VAL A 180 23.83 -6.80 -6.60
C VAL A 180 24.32 -7.72 -5.47
N VAL A 181 23.41 -8.47 -4.84
CA VAL A 181 23.81 -9.46 -3.84
C VAL A 181 24.60 -10.58 -4.49
N GLY A 182 24.12 -11.05 -5.64
CA GLY A 182 24.80 -12.08 -6.38
C GLY A 182 26.21 -11.70 -6.77
N ARG A 183 26.35 -10.57 -7.45
CA ARG A 183 27.67 -10.04 -7.78
C ARG A 183 28.56 -10.04 -6.55
N LEU A 184 28.02 -9.55 -5.44
CA LEU A 184 28.77 -9.45 -4.19
C LEU A 184 29.16 -10.79 -3.58
N ALA A 186 29.90 -13.67 -4.72
CA ALA A 186 31.11 -14.25 -5.29
C ALA A 186 32.28 -13.27 -5.24
N ALA A 187 32.09 -12.09 -5.82
CA ALA A 187 33.16 -11.10 -6.00
C ALA A 187 34.14 -10.97 -4.83
N ALA A 189 35.13 -12.75 -2.65
CA ALA A 189 36.05 -13.88 -2.52
C ALA A 189 37.25 -13.76 -3.44
N ALA A 190 37.24 -12.75 -4.32
CA ALA A 190 38.41 -12.46 -5.14
C ALA A 190 39.22 -11.36 -4.48
N GLY A 191 38.67 -10.78 -3.43
CA GLY A 191 39.28 -9.62 -2.80
C GLY A 191 39.39 -8.48 -3.79
N ASP A 192 38.35 -8.32 -4.59
CA ASP A 192 38.29 -7.24 -5.56
C ASP A 192 37.78 -5.98 -4.87
N LEU A 193 38.71 -5.29 -4.21
CA LEU A 193 38.37 -4.18 -3.31
C LEU A 193 37.90 -2.93 -4.03
N ASP A 194 38.33 -2.73 -5.26
CA ASP A 194 37.94 -1.55 -6.03
C ASP A 194 36.44 -1.61 -6.34
N THR A 195 35.96 -2.82 -6.62
CA THR A 195 34.55 -3.04 -6.91
C THR A 195 33.68 -2.88 -5.67
N VAL A 196 34.19 -3.34 -4.53
CA VAL A 196 33.42 -3.41 -3.29
C VAL A 196 33.16 -2.03 -2.66
N VAL A 197 34.08 -1.09 -2.85
CA VAL A 197 33.91 0.24 -2.26
C VAL A 197 33.00 1.11 -3.11
N SER A 198 32.82 0.73 -4.37
CA SER A 198 31.92 1.47 -5.26
C SER A 198 30.48 1.03 -5.04
N LEU A 199 30.30 -0.23 -4.64
CA LEU A 199 28.98 -0.79 -4.40
C LEU A 199 28.41 -0.36 -3.06
N LEU A 200 29.22 0.33 -2.26
CA LEU A 200 28.79 0.74 -0.93
C LEU A 200 28.41 2.22 -0.89
N HIS A 201 27.51 2.56 0.02
CA HIS A 201 27.06 3.94 0.21
C HIS A 201 28.09 4.69 1.05
N PRO A 202 28.31 5.98 0.73
CA PRO A 202 29.21 6.82 1.53
C PRO A 202 28.86 6.79 3.01
N ASP A 203 27.56 6.61 3.27
CA ASP A 203 27.06 6.51 4.62
C ASP A 203 26.48 5.12 4.89
N VAL A 204 26.99 4.13 4.15
CA VAL A 204 26.59 2.73 4.35
C VAL A 204 26.84 2.35 5.80
N THR A 205 26.15 1.32 6.27
CA THR A 205 26.14 1.02 7.68
C THR A 205 26.32 -0.47 7.91
N PHE A 206 26.89 -0.83 9.06
CA PHE A 206 26.97 -2.23 9.48
C PHE A 206 26.48 -2.35 10.91
N THR A 207 25.28 -2.89 11.07
CA THR A 207 24.63 -2.93 12.38
C THR A 207 24.44 -4.36 12.85
N GLY A 208 24.94 -4.68 14.04
CA GLY A 208 24.90 -6.05 14.53
C GLY A 208 24.12 -6.20 15.83
N ASP A 209 23.24 -7.19 15.89
CA ASP A 209 22.52 -7.45 17.13
C ASP A 209 23.46 -8.07 18.14
N SER A 210 23.85 -7.30 19.15
CA SER A 210 24.86 -7.75 20.11
C SER A 210 24.28 -8.25 21.42
N ASN A 211 22.99 -8.57 21.43
CA ASN A 211 22.40 -9.28 22.55
C ASN A 211 23.05 -10.65 22.68
N GLY A 212 23.40 -11.22 21.52
CA GLY A 212 24.01 -12.53 21.47
C GLY A 212 25.50 -12.52 21.76
N LYS A 213 25.94 -13.51 22.52
CA LYS A 213 27.36 -13.68 22.83
C LYS A 213 28.17 -14.05 21.59
N ALA A 214 28.43 -13.06 20.74
CA ALA A 214 29.22 -13.27 19.53
C ALA A 214 29.84 -11.96 19.06
N PRO A 215 31.16 -12.00 18.79
CA PRO A 215 31.88 -10.86 18.22
C PRO A 215 31.21 -10.29 16.98
N THR A 216 30.58 -9.12 17.15
CA THR A 216 29.93 -8.42 16.05
C THR A 216 30.17 -6.94 16.18
N ALA A 217 29.45 -6.16 15.37
CA ALA A 217 29.40 -4.72 15.61
C ALA A 217 28.55 -4.48 16.85
N VAL A 218 29.19 -4.54 18.02
CA VAL A 218 28.48 -4.39 19.29
C VAL A 218 27.83 -3.02 19.36
N ARG A 219 28.37 -2.08 18.58
CA ARG A 219 27.74 -0.80 18.28
C ARG A 219 27.74 -0.63 16.77
N ALA A 220 26.92 0.26 16.24
CA ALA A 220 26.87 0.46 14.78
C ALA A 220 28.14 1.12 14.25
N VAL A 221 28.61 0.66 13.10
CA VAL A 221 29.73 1.31 12.43
C VAL A 221 29.18 2.00 11.19
N ARG A 222 29.70 3.20 10.88
CA ARG A 222 29.10 4.03 9.84
C ARG A 222 30.09 4.43 8.74
N GLY A 223 29.58 4.63 7.53
CA GLY A 223 30.41 5.12 6.44
C GLY A 223 31.10 4.06 5.60
N SER A 224 31.25 4.33 4.30
CA SER A 224 31.76 3.36 3.33
C SER A 224 33.14 2.80 3.68
N ASP A 225 34.18 3.61 3.46
CA ASP A 225 35.56 3.20 3.69
C ASP A 225 35.77 2.56 5.07
N LYS A 226 35.01 3.04 6.04
CA LYS A 226 35.11 2.54 7.40
C LYS A 226 34.39 1.20 7.59
N VAL A 227 33.31 0.98 6.85
CA VAL A 227 32.63 -0.31 6.88
C VAL A 227 33.54 -1.39 6.27
N VAL A 228 34.16 -1.06 5.14
CA VAL A 228 35.13 -1.93 4.47
C VAL A 228 36.23 -2.40 5.44
N ARG A 229 36.72 -1.46 6.24
CA ARG A 229 37.71 -1.76 7.28
C ARG A 229 37.22 -2.87 8.21
N PHE A 230 36.00 -2.70 8.73
CA PHE A 230 35.35 -3.71 9.55
C PHE A 230 35.27 -5.03 8.79
N ILE A 231 34.92 -4.96 7.51
CA ILE A 231 34.81 -6.14 6.65
C ILE A 231 36.17 -6.81 6.46
N LEU A 232 37.20 -6.00 6.22
CA LEU A 232 38.55 -6.52 6.05
C LEU A 232 38.99 -7.32 7.28
N GLY A 233 38.59 -6.86 8.46
CA GLY A 233 38.87 -7.58 9.68
C GLY A 233 38.22 -8.95 9.69
N LEU A 234 37.02 -9.02 9.13
CA LEU A 234 36.24 -10.27 9.11
C LEU A 234 36.94 -11.38 8.33
N VAL A 235 37.34 -11.09 7.09
CA VAL A 235 38.04 -12.08 6.27
C VAL A 235 39.42 -12.35 6.85
N GLN A 236 39.98 -11.37 7.55
CA GLN A 236 41.26 -11.55 8.23
C GLN A 236 41.12 -12.49 9.41
N ARG A 237 40.02 -12.35 10.15
CA ARG A 237 39.81 -13.11 11.38
C ARG A 237 39.31 -14.53 11.13
N TYR A 238 38.29 -14.68 10.29
CA TYR A 238 37.70 -15.98 10.04
C TYR A 238 38.34 -16.71 8.86
N GLY A 239 38.96 -15.97 7.95
CA GLY A 239 39.58 -16.57 6.79
C GLY A 239 38.66 -16.66 5.58
N PRO A 240 38.99 -17.56 4.64
CA PRO A 240 38.25 -17.74 3.38
C PRO A 240 37.28 -18.93 3.37
N GLY A 241 37.33 -19.81 4.36
CA GLY A 241 36.34 -20.87 4.46
C GLY A 241 35.01 -20.24 4.79
N LEU A 242 35.10 -19.01 5.30
CA LEU A 242 33.98 -18.10 5.52
C LEU A 242 32.82 -18.22 4.54
N PHE A 243 33.13 -18.21 3.25
CA PHE A 243 32.10 -18.23 2.21
C PHE A 243 31.40 -19.59 2.11
N GLY A 244 32.13 -20.66 2.40
CA GLY A 244 31.63 -22.02 2.23
C GLY A 244 30.57 -22.45 3.23
N ALA A 245 30.56 -21.82 4.40
CA ALA A 245 29.54 -22.09 5.40
C ALA A 245 28.35 -21.15 5.23
N ASN A 246 28.53 -20.12 4.40
CA ASN A 246 27.49 -19.13 4.12
C ASN A 246 26.51 -19.61 3.06
N GLN A 247 25.26 -19.86 3.45
CA GLN A 247 24.27 -20.35 2.51
C GLN A 247 23.46 -19.24 1.86
N LEU A 248 23.22 -19.39 0.56
CA LEU A 248 22.30 -18.52 -0.17
C LEU A 248 20.86 -18.84 0.24
N ALA A 249 20.13 -17.82 0.71
CA ALA A 249 18.78 -18.04 1.19
C ALA A 249 17.95 -16.76 1.15
N LEU A 250 16.63 -16.91 1.16
CA LEU A 250 15.73 -15.76 1.15
C LEU A 250 15.58 -15.16 2.55
N VAL A 251 16.01 -13.91 2.71
CA VAL A 251 15.86 -13.22 3.98
C VAL A 251 14.77 -12.16 3.89
N ASN A 252 13.68 -12.36 4.66
CA ASN A 252 12.52 -11.49 4.63
C ASN A 252 11.99 -11.22 3.21
N GLY A 253 11.93 -12.27 2.39
CA GLY A 253 11.33 -12.16 1.07
C GLY A 253 12.27 -11.82 -0.07
N GLU A 254 13.48 -11.36 0.25
CA GLU A 254 14.48 -11.10 -0.79
C GLU A 254 15.81 -11.76 -0.48
N LEU A 255 16.53 -12.12 -1.53
CA LEU A 255 17.77 -12.88 -1.44
C LEU A 255 18.80 -12.27 -0.49
N GLY A 256 19.02 -12.95 0.63
CA GLY A 256 20.07 -12.61 1.56
C GLY A 256 20.93 -13.85 1.78
N ALA A 257 21.42 -14.03 3.00
CA ALA A 257 22.26 -15.19 3.31
C ALA A 257 22.36 -15.45 4.80
N TYR A 258 22.59 -16.71 5.16
CA TYR A 258 22.88 -17.10 6.54
C TYR A 258 24.02 -18.12 6.55
N THR A 259 24.60 -18.34 7.72
CA THR A 259 25.80 -19.17 7.83
C THR A 259 25.64 -20.23 8.92
N ALA A 260 26.20 -21.42 8.70
CA ALA A 260 26.17 -22.48 9.71
C ALA A 260 27.34 -22.36 10.68
N GLY A 261 28.21 -21.38 10.41
CA GLY A 261 29.38 -21.14 11.23
C GLY A 261 30.59 -21.93 10.76
N LEU A 262 31.76 -21.58 11.29
CA LEU A 262 33.02 -22.25 10.94
C LEU A 262 33.80 -22.65 12.17
N PRO A 263 34.63 -23.67 12.06
CA PRO A 263 35.44 -24.09 13.20
C PRO A 263 36.79 -23.38 13.31
N GLY A 264 37.37 -23.01 12.18
CA GLY A 264 38.70 -22.46 12.19
C GLY A 264 39.73 -23.54 12.46
N VAL A 265 40.50 -23.90 11.43
CA VAL A 265 41.43 -25.01 11.53
C VAL A 265 42.87 -24.61 11.19
N ASP A 266 43.02 -23.46 10.55
CA ASP A 266 44.35 -22.96 10.19
C ASP A 266 44.69 -21.78 11.11
N GLY A 267 44.32 -21.91 12.38
CA GLY A 267 44.54 -20.84 13.34
C GLY A 267 43.60 -19.65 13.15
N TYR A 268 42.56 -19.84 12.36
CA TYR A 268 41.49 -18.85 12.26
C TYR A 268 40.56 -19.01 13.44
N ARG A 269 39.92 -17.92 13.86
CA ARG A 269 38.96 -17.97 14.95
C ARG A 269 37.71 -18.73 14.54
N ALA A 270 37.25 -19.62 15.41
CA ALA A 270 35.96 -20.27 15.20
C ALA A 270 34.89 -19.19 15.07
N ALA A 272 30.77 -17.93 14.38
CA ALA A 272 29.45 -18.35 14.82
C ALA A 272 28.48 -18.42 13.65
N PRO A 273 27.49 -19.32 13.74
CA PRO A 273 26.43 -19.29 12.74
C PRO A 273 25.63 -18.01 12.91
N ARG A 274 25.24 -17.38 11.81
CA ARG A 274 24.53 -16.12 11.89
C ARG A 274 23.78 -15.83 10.60
N ILE A 275 22.90 -14.84 10.64
CA ILE A 275 22.12 -14.47 9.48
C ILE A 275 22.45 -13.04 9.06
N THR A 276 22.72 -12.84 7.77
CA THR A 276 23.10 -11.53 7.28
C THR A 276 22.14 -11.06 6.19
N ALA A 277 21.49 -9.92 6.43
CA ALA A 277 20.56 -9.36 5.45
C ALA A 277 21.24 -8.21 4.71
N ILE A 278 20.75 -7.92 3.51
CA ILE A 278 21.34 -6.86 2.69
C ILE A 278 20.28 -5.87 2.19
N THR A 279 20.66 -4.60 2.09
CA THR A 279 19.74 -3.54 1.67
C THR A 279 20.32 -2.77 0.49
N VAL A 280 19.53 -2.61 -0.57
CA VAL A 280 20.04 -2.09 -1.84
C VAL A 280 19.22 -0.93 -2.43
N ARG A 281 19.91 0.15 -2.80
CA ARG A 281 19.33 1.26 -3.56
C ARG A 281 20.45 1.96 -4.31
N ASP A 282 20.11 2.75 -5.32
CA ASP A 282 21.09 3.47 -6.14
C ASP A 282 21.95 2.44 -6.89
N GLY A 283 21.51 1.19 -6.86
CA GLY A 283 22.29 0.09 -7.41
C GLY A 283 23.52 -0.17 -6.56
N LYS A 284 23.50 0.35 -5.33
CA LYS A 284 24.63 0.21 -4.41
C LYS A 284 24.16 -0.31 -3.06
N VAL A 285 25.02 -1.06 -2.37
CA VAL A 285 24.66 -1.60 -1.06
C VAL A 285 24.58 -0.48 -0.03
N CYS A 286 23.37 -0.14 0.38
CA CYS A 286 23.13 0.99 1.26
C CYS A 286 23.30 0.64 2.74
N ALA A 287 23.15 -0.65 3.05
CA ALA A 287 23.29 -1.12 4.42
C ALA A 287 23.48 -2.63 4.49
N LEU A 288 24.13 -3.09 5.56
CA LEU A 288 24.26 -4.51 5.85
C LEU A 288 23.80 -4.78 7.27
N TRP A 289 23.29 -5.99 7.51
CA TRP A 289 22.74 -6.32 8.82
C TRP A 289 23.37 -7.58 9.39
N ASP A 290 23.86 -7.49 10.63
CA ASP A 290 24.50 -8.62 11.28
C ASP A 290 23.64 -9.12 12.42
N ILE A 291 23.23 -10.38 12.34
CA ILE A 291 22.33 -10.94 13.34
C ILE A 291 22.94 -12.21 13.93
N ALA A 292 23.40 -12.13 15.17
CA ALA A 292 24.21 -13.21 15.74
C ALA A 292 23.66 -13.85 17.02
N ASN A 293 22.49 -13.40 17.47
CA ASN A 293 21.88 -13.95 18.67
C ASN A 293 21.11 -15.24 18.40
N PRO A 294 21.58 -16.35 18.98
CA PRO A 294 20.95 -17.66 18.82
C PRO A 294 19.50 -17.68 19.31
N ASP A 295 19.17 -16.79 20.24
CA ASP A 295 17.81 -16.65 20.75
C ASP A 295 16.85 -16.10 19.70
N LYS A 296 17.38 -15.67 18.56
CA LYS A 296 16.55 -15.11 17.48
C LYS A 296 16.72 -15.90 16.18
N PHE A 297 16.71 -17.23 16.29
CA PHE A 297 16.91 -18.10 15.15
C PHE A 297 15.63 -18.82 14.74
N THR A 298 14.49 -18.36 15.25
CA THR A 298 13.25 -19.09 15.07
C THR A 298 12.58 -18.79 13.73
N GLY A 299 13.20 -17.92 12.94
CA GLY A 299 12.79 -17.73 11.57
C GLY A 299 13.80 -18.38 10.63
N SER A 300 14.66 -19.21 11.22
CA SER A 300 15.87 -19.70 10.56
C SER A 300 15.94 -21.23 10.47
N PRO A 301 16.73 -21.73 9.49
CA PRO A 301 17.05 -23.15 9.37
C PRO A 301 18.02 -23.62 10.44
N LEU A 302 18.62 -22.68 11.17
CA LEU A 302 19.55 -22.99 12.23
C LEU A 302 18.81 -23.38 13.50
N LYS A 303 18.33 -22.39 14.24
CA LYS A 303 17.46 -22.60 15.40
C LYS A 303 17.96 -23.67 16.37
N GLU B 8 -23.19 -7.84 15.80
CA GLU B 8 -23.16 -8.47 14.49
C GLU B 8 -23.44 -7.46 13.38
N VAL B 9 -24.36 -6.54 13.66
CA VAL B 9 -24.75 -5.53 12.68
C VAL B 9 -23.58 -4.64 12.29
N SER B 10 -22.82 -4.19 13.28
CA SER B 10 -21.62 -3.40 13.02
C SER B 10 -20.63 -4.19 12.19
N GLU B 11 -20.54 -5.49 12.46
CA GLU B 11 -19.66 -6.39 11.74
C GLU B 11 -20.18 -6.67 10.32
N PHE B 12 -21.49 -6.55 10.13
CA PHE B 12 -22.09 -6.74 8.82
C PHE B 12 -21.82 -5.54 7.91
N GLU B 13 -22.16 -4.35 8.40
CA GLU B 13 -22.00 -3.13 7.62
C GLU B 13 -20.56 -2.96 7.18
N ALA B 14 -19.63 -3.15 8.11
CA ALA B 14 -18.21 -3.04 7.80
C ALA B 14 -17.78 -3.99 6.69
N LEU B 15 -18.38 -5.17 6.64
CA LEU B 15 -18.08 -6.13 5.59
C LEU B 15 -18.59 -5.61 4.25
N ARG B 16 -19.76 -4.97 4.28
CA ARG B 16 -20.29 -4.34 3.08
C ARG B 16 -19.40 -3.18 2.65
N GLN B 17 -18.81 -2.49 3.62
CA GLN B 17 -17.95 -1.35 3.36
C GLN B 17 -16.62 -1.75 2.74
N HIS B 18 -16.12 -2.94 3.07
CA HIS B 18 -14.85 -3.37 2.51
C HIS B 18 -15.01 -3.91 1.10
N LEU B 19 -16.11 -4.61 0.85
CA LEU B 19 -16.38 -5.18 -0.46
C LEU B 19 -16.50 -4.11 -1.53
N SER B 21 -15.00 -0.99 -1.29
CA SER B 21 -13.69 -0.37 -1.41
C SER B 21 -12.79 -1.10 -2.41
N VAL B 22 -12.81 -2.43 -2.35
CA VAL B 22 -12.00 -3.24 -3.26
C VAL B 22 -12.64 -3.30 -4.65
N ALA B 23 -13.95 -3.52 -4.71
CA ALA B 23 -14.65 -3.60 -5.98
C ALA B 23 -14.62 -2.27 -6.74
N TYR B 24 -14.84 -1.17 -6.02
CA TYR B 24 -14.90 0.13 -6.65
C TYR B 24 -13.54 0.53 -7.22
N ARG B 25 -12.47 -0.05 -6.68
CA ARG B 25 -11.13 0.25 -7.19
C ARG B 25 -10.72 -0.77 -8.24
N LEU B 26 -11.20 -2.00 -8.11
CA LEU B 26 -11.05 -3.00 -9.16
C LEU B 26 -11.80 -2.57 -10.40
N THR B 27 -12.97 -1.99 -10.18
CA THR B 27 -13.76 -1.42 -11.28
C THR B 27 -13.56 0.09 -11.30
N GLY B 28 -14.40 0.80 -12.04
CA GLY B 28 -14.30 2.24 -12.11
C GLY B 28 -15.68 2.86 -11.97
N THR B 29 -16.69 2.00 -11.90
CA THR B 29 -18.09 2.41 -11.84
C THR B 29 -18.72 2.02 -10.51
N VAL B 30 -19.69 2.81 -10.04
CA VAL B 30 -20.25 2.62 -8.70
C VAL B 30 -21.20 1.41 -8.68
N ALA B 31 -21.97 1.21 -9.75
CA ALA B 31 -22.96 0.14 -9.77
C ALA B 31 -22.28 -1.19 -10.08
N ASP B 32 -21.18 -1.11 -10.83
CA ASP B 32 -20.41 -2.30 -11.18
C ASP B 32 -19.82 -2.93 -9.93
N ALA B 33 -19.20 -2.10 -9.10
CA ALA B 33 -18.77 -2.54 -7.78
C ALA B 33 -19.94 -3.14 -7.02
N GLU B 34 -21.06 -2.42 -7.03
CA GLU B 34 -22.28 -2.85 -6.35
C GLU B 34 -22.85 -4.14 -6.93
N ASP B 35 -22.83 -4.24 -8.26
CA ASP B 35 -23.30 -5.45 -8.94
C ASP B 35 -22.51 -6.67 -8.52
N ILE B 36 -21.19 -6.58 -8.65
CA ILE B 36 -20.30 -7.68 -8.28
C ILE B 36 -20.38 -8.02 -6.80
N VAL B 37 -20.60 -7.01 -5.97
CA VAL B 37 -20.70 -7.17 -4.52
C VAL B 37 -22.06 -7.77 -4.13
N GLN B 38 -23.05 -7.62 -5.00
CA GLN B 38 -24.34 -8.25 -4.74
C GLN B 38 -24.20 -9.77 -4.77
N GLU B 39 -23.33 -10.26 -5.64
CA GLU B 39 -23.03 -11.68 -5.71
C GLU B 39 -22.09 -12.02 -4.55
N ALA B 40 -22.67 -12.08 -3.35
CA ALA B 40 -21.94 -12.29 -2.11
C ALA B 40 -22.85 -12.82 -1.02
N TRP B 41 -23.85 -12.03 -0.65
CA TRP B 41 -24.82 -12.43 0.37
C TRP B 41 -25.65 -13.62 -0.10
N LEU B 42 -25.66 -13.87 -1.41
CA LEU B 42 -26.29 -15.07 -1.95
C LEU B 42 -25.65 -16.31 -1.33
N ARG B 43 -24.33 -16.36 -1.36
CA ARG B 43 -23.59 -17.39 -0.63
C ARG B 43 -22.49 -16.74 0.21
N TRP B 44 -22.91 -16.17 1.33
CA TRP B 44 -21.97 -15.56 2.27
C TRP B 44 -21.69 -16.50 3.43
N ASP B 45 -22.38 -17.64 3.44
CA ASP B 45 -22.23 -18.62 4.51
C ASP B 45 -22.71 -20.02 4.12
N SER B 46 -22.22 -21.01 4.86
CA SER B 46 -22.63 -22.41 4.67
C SER B 46 -23.09 -23.03 5.98
N VAL B 50 -16.88 -25.24 11.46
CA VAL B 50 -15.79 -25.02 12.39
C VAL B 50 -14.90 -23.87 11.96
N ILE B 51 -14.51 -23.89 10.69
CA ILE B 51 -13.66 -22.84 10.16
C ILE B 51 -14.29 -22.23 8.89
N ALA B 52 -14.59 -20.94 8.95
CA ALA B 52 -15.25 -20.24 7.86
C ALA B 52 -14.81 -18.78 7.85
N ASP B 53 -14.27 -18.33 6.71
CA ASP B 53 -13.77 -16.96 6.59
C ASP B 53 -14.53 -16.22 5.51
N PRO B 54 -15.75 -15.75 5.84
CA PRO B 54 -16.65 -15.09 4.88
C PRO B 54 -16.05 -13.85 4.23
N ARG B 55 -15.27 -13.07 4.98
CA ARG B 55 -14.59 -11.90 4.44
C ARG B 55 -13.66 -12.30 3.31
N ALA B 56 -12.87 -13.35 3.53
CA ALA B 56 -11.93 -13.84 2.53
C ALA B 56 -12.63 -14.32 1.26
N TRP B 57 -13.60 -15.22 1.43
CA TRP B 57 -14.36 -15.78 0.31
C TRP B 57 -14.98 -14.69 -0.55
N LEU B 58 -15.55 -13.68 0.08
CA LEU B 58 -16.18 -12.58 -0.64
C LEU B 58 -15.15 -11.69 -1.35
N THR B 59 -14.14 -11.25 -0.61
CA THR B 59 -13.08 -10.41 -1.19
C THR B 59 -12.43 -11.09 -2.40
N THR B 60 -12.26 -12.40 -2.32
CA THR B 60 -11.78 -13.19 -3.45
C THR B 60 -12.82 -13.22 -4.56
N VAL B 61 -14.06 -13.56 -4.21
CA VAL B 61 -15.17 -13.60 -5.16
C VAL B 61 -15.30 -12.28 -5.93
N VAL B 62 -15.32 -11.18 -5.19
CA VAL B 62 -15.43 -9.86 -5.78
C VAL B 62 -14.27 -9.58 -6.72
N SER B 63 -13.06 -9.93 -6.30
CA SER B 63 -11.88 -9.78 -7.13
C SER B 63 -12.03 -10.52 -8.45
N ARG B 64 -12.43 -11.78 -8.35
CA ARG B 64 -12.66 -12.63 -9.52
C ARG B 64 -13.69 -12.04 -10.47
N LEU B 65 -14.79 -11.55 -9.89
CA LEU B 65 -15.81 -10.85 -10.67
C LEU B 65 -15.28 -9.52 -11.19
N GLY B 66 -14.22 -9.03 -10.56
CA GLY B 66 -13.63 -7.75 -10.95
C GLY B 66 -12.86 -7.82 -12.26
N LEU B 67 -12.05 -8.88 -12.41
CA LEU B 67 -11.29 -9.10 -13.63
C LEU B 67 -12.17 -9.03 -14.87
N ASP B 68 -13.30 -9.70 -14.80
CA ASP B 68 -14.20 -9.83 -15.94
C ASP B 68 -15.25 -8.72 -15.99
N LYS B 69 -15.28 -7.88 -14.96
CA LYS B 69 -16.30 -6.83 -14.85
C LYS B 69 -16.23 -5.80 -15.99
N LEU B 70 -15.18 -5.87 -16.79
CA LEU B 70 -15.05 -4.96 -17.92
C LEU B 70 -15.66 -5.53 -19.20
N ARG B 71 -16.40 -6.64 -19.07
CA ARG B 71 -16.87 -7.39 -20.22
C ARG B 71 -18.24 -6.98 -20.77
N SER B 72 -19.12 -6.47 -19.91
CA SER B 72 -20.44 -6.04 -20.37
C SER B 72 -20.37 -4.66 -21.00
N ALA B 73 -19.16 -4.10 -21.03
CA ALA B 73 -18.87 -2.88 -21.78
C ALA B 73 -18.04 -3.27 -23.00
N ALA B 74 -18.62 -3.04 -24.18
CA ALA B 74 -18.18 -3.59 -25.46
C ALA B 74 -18.44 -5.09 -25.51
N GLU B 78 -21.65 -2.23 -26.01
CA GLU B 78 -22.67 -1.36 -25.41
C GLU B 78 -22.11 0.03 -25.10
N THR B 79 -21.18 0.48 -25.93
CA THR B 79 -20.68 1.85 -25.84
C THR B 79 -21.46 2.76 -26.79
N TYR B 80 -21.75 3.97 -26.33
CA TYR B 80 -22.47 4.93 -27.17
C TYR B 80 -21.54 5.98 -27.75
N THR B 81 -20.37 6.14 -27.14
CA THR B 81 -19.41 7.14 -27.58
C THR B 81 -17.99 6.85 -27.08
N GLY B 82 -17.69 7.32 -25.88
CA GLY B 82 -16.37 7.13 -25.30
C GLY B 82 -16.20 7.94 -24.03
N THR B 83 -15.00 8.49 -23.84
CA THR B 83 -14.68 9.30 -22.66
C THR B 83 -15.07 8.62 -21.36
N TRP B 84 -14.47 7.46 -21.10
CA TRP B 84 -14.71 6.77 -19.84
C TRP B 84 -13.84 7.35 -18.75
N LEU B 85 -14.49 7.96 -17.76
CA LEU B 85 -13.82 8.41 -16.56
C LEU B 85 -14.37 7.60 -15.39
N PRO B 86 -13.53 7.33 -14.39
CA PRO B 86 -14.06 6.65 -13.20
C PRO B 86 -15.23 7.43 -12.63
N GLU B 87 -16.36 6.78 -12.37
CA GLU B 87 -17.50 7.47 -11.80
C GLU B 87 -17.23 7.86 -10.34
N PRO B 88 -17.48 9.13 -9.99
CA PRO B 88 -17.12 9.60 -8.66
C PRO B 88 -18.16 9.37 -7.57
N VAL B 89 -17.70 9.41 -6.33
CA VAL B 89 -18.53 9.34 -5.13
C VAL B 89 -18.70 10.75 -4.56
N VAL B 90 -19.94 11.20 -4.38
CA VAL B 90 -20.19 12.53 -3.84
C VAL B 90 -20.91 12.46 -2.50
N THR B 91 -20.29 13.02 -1.45
CA THR B 91 -20.85 12.97 -0.10
C THR B 91 -20.86 14.35 0.55
N GLY B 92 -21.37 14.42 1.77
CA GLY B 92 -21.30 15.63 2.57
C GLY B 92 -20.00 15.69 3.35
N LEU B 93 -19.65 16.87 3.83
CA LEU B 93 -18.38 17.09 4.51
C LEU B 93 -18.31 16.35 5.84
N ASP B 94 -19.49 16.08 6.41
CA ASP B 94 -19.59 15.31 7.65
C ASP B 94 -19.25 13.85 7.43
N ALA B 95 -19.23 13.44 6.16
CA ALA B 95 -18.91 12.07 5.76
C ALA B 95 -19.85 11.06 6.42
N THR B 96 -21.14 11.24 6.18
CA THR B 96 -22.15 10.35 6.74
C THR B 96 -22.73 9.39 5.71
N ASP B 97 -22.55 9.72 4.43
CA ASP B 97 -22.90 8.78 3.36
C ASP B 97 -22.07 7.51 3.49
N PRO B 98 -22.69 6.35 3.23
CA PRO B 98 -22.02 5.05 3.40
C PRO B 98 -20.87 4.86 2.42
N LEU B 99 -21.00 5.46 1.25
CA LEU B 99 -19.98 5.37 0.20
C LEU B 99 -18.70 6.12 0.57
N ALA B 100 -18.70 6.78 1.73
CA ALA B 100 -17.54 7.51 2.21
C ALA B 100 -16.45 6.59 2.74
N ALA B 101 -16.87 5.46 3.31
CA ALA B 101 -15.92 4.46 3.78
C ALA B 101 -15.10 3.91 2.62
N VAL B 102 -15.67 3.97 1.42
CA VAL B 102 -15.03 3.45 0.21
C VAL B 102 -13.82 4.29 -0.22
N VAL B 103 -14.03 5.60 -0.37
CA VAL B 103 -12.98 6.48 -0.91
C VAL B 103 -12.11 7.10 0.18
N ALA B 104 -12.19 6.57 1.39
CA ALA B 104 -11.41 7.07 2.52
C ALA B 104 -9.89 6.95 2.27
N ALA B 105 -9.48 5.91 1.55
CA ALA B 105 -8.06 5.65 1.29
C ALA B 105 -7.48 6.57 0.22
N GLU B 106 -6.20 6.87 0.34
CA GLU B 106 -5.54 7.86 -0.51
C GLU B 106 -5.36 7.40 -1.96
N ASP B 107 -5.62 6.13 -2.24
CA ASP B 107 -5.53 5.61 -3.60
C ASP B 107 -6.88 5.61 -4.30
N ALA B 108 -7.86 6.24 -3.66
CA ALA B 108 -9.21 6.30 -4.22
C ALA B 108 -9.56 7.68 -4.75
N ARG B 109 -8.66 8.64 -4.59
CA ARG B 109 -8.89 9.98 -5.11
C ARG B 109 -9.04 9.90 -6.63
N PHE B 110 -9.88 10.77 -7.19
CA PHE B 110 -10.27 10.69 -8.59
C PHE B 110 -9.09 10.59 -9.54
N ALA B 111 -7.99 11.23 -9.18
CA ALA B 111 -6.79 11.23 -10.00
C ALA B 111 -6.05 9.89 -9.94
N ALA B 112 -6.10 9.25 -8.78
CA ALA B 112 -5.50 7.93 -8.63
C ALA B 112 -6.27 6.92 -9.46
N VAL B 114 -7.98 7.58 -12.16
CA VAL B 114 -7.83 7.87 -13.59
C VAL B 114 -6.68 7.08 -14.22
N VAL B 115 -5.52 7.11 -13.57
CA VAL B 115 -4.36 6.39 -14.07
C VAL B 115 -4.68 4.89 -14.16
N LEU B 116 -5.50 4.40 -13.24
CA LEU B 116 -5.93 3.02 -13.28
C LEU B 116 -6.93 2.79 -14.41
N GLU B 117 -7.87 3.71 -14.55
CA GLU B 117 -8.97 3.59 -15.52
C GLU B 117 -8.53 3.36 -16.97
N ARG B 118 -8.10 4.42 -17.64
CA ARG B 118 -7.84 4.38 -19.09
C ARG B 118 -6.53 3.69 -19.49
N LEU B 119 -5.60 3.54 -18.54
CA LEU B 119 -4.29 2.98 -18.87
C LEU B 119 -4.33 1.50 -19.26
N ARG B 120 -4.74 0.65 -18.33
CA ARG B 120 -4.67 -0.79 -18.55
C ARG B 120 -6.04 -1.43 -18.75
N PRO B 121 -6.29 -1.96 -19.95
CA PRO B 121 -7.47 -2.79 -20.13
C PRO B 121 -7.28 -4.07 -19.36
N ASP B 122 -6.00 -4.43 -19.22
CA ASP B 122 -5.56 -5.60 -18.49
C ASP B 122 -6.00 -5.54 -17.02
N GLN B 123 -5.95 -6.70 -16.38
CA GLN B 123 -6.36 -6.80 -14.99
C GLN B 123 -5.41 -6.03 -14.09
N ARG B 124 -5.92 -4.96 -13.47
CA ARG B 124 -5.13 -4.17 -12.53
C ARG B 124 -5.21 -4.77 -11.13
N VAL B 125 -5.79 -5.97 -11.05
CA VAL B 125 -5.94 -6.71 -9.80
C VAL B 125 -4.67 -6.77 -8.97
N ALA B 126 -3.55 -7.13 -9.61
CA ALA B 126 -2.27 -7.25 -8.93
C ALA B 126 -1.87 -5.98 -8.18
N PHE B 127 -1.78 -4.86 -8.90
CA PHE B 127 -1.41 -3.59 -8.26
C PHE B 127 -2.49 -3.14 -7.28
N VAL B 128 -3.75 -3.26 -7.69
CA VAL B 128 -4.87 -2.88 -6.84
C VAL B 128 -4.91 -3.71 -5.56
N LEU B 129 -4.87 -5.04 -5.70
CA LEU B 129 -5.02 -5.91 -4.52
C LEU B 129 -3.78 -5.92 -3.63
N HIS B 130 -2.59 -5.84 -4.20
CA HIS B 130 -1.39 -5.90 -3.38
C HIS B 130 -0.92 -4.53 -2.89
N ASP B 131 -0.58 -3.62 -3.80
CA ASP B 131 -0.09 -2.32 -3.37
C ASP B 131 -1.23 -1.49 -2.78
N GLY B 132 -2.44 -1.76 -3.24
CA GLY B 132 -3.60 -1.04 -2.74
C GLY B 132 -4.22 -1.64 -1.50
N PHE B 133 -4.37 -2.96 -1.47
CA PHE B 133 -5.11 -3.61 -0.38
C PHE B 133 -4.31 -4.62 0.41
N ALA B 134 -3.00 -4.72 0.13
CA ALA B 134 -2.11 -5.63 0.85
C ALA B 134 -2.49 -7.09 0.72
N VAL B 135 -3.12 -7.46 -0.38
CA VAL B 135 -3.39 -8.87 -0.64
C VAL B 135 -2.11 -9.53 -1.09
N PRO B 136 -1.73 -10.64 -0.43
CA PRO B 136 -0.54 -11.40 -0.82
C PRO B 136 -0.58 -11.79 -2.28
N PHE B 137 0.56 -11.80 -2.95
CA PHE B 137 0.62 -12.19 -4.36
C PHE B 137 0.08 -13.59 -4.53
N ALA B 138 0.26 -14.42 -3.50
CA ALA B 138 -0.26 -15.78 -3.47
C ALA B 138 -1.77 -15.82 -3.72
N GLU B 139 -2.52 -15.09 -2.92
CA GLU B 139 -3.98 -15.02 -3.06
C GLU B 139 -4.39 -14.24 -4.29
N VAL B 140 -3.55 -13.32 -4.75
CA VAL B 140 -3.78 -12.64 -6.02
C VAL B 140 -3.62 -13.65 -7.16
N ALA B 141 -2.70 -14.59 -6.99
CA ALA B 141 -2.39 -15.57 -8.02
C ALA B 141 -3.53 -16.55 -8.26
N GLU B 142 -4.36 -16.78 -7.24
CA GLU B 142 -5.51 -17.67 -7.37
C GLU B 142 -6.54 -17.07 -8.33
N VAL B 143 -6.90 -15.81 -8.08
CA VAL B 143 -7.85 -15.11 -8.93
C VAL B 143 -7.21 -14.59 -10.22
N LEU B 144 -5.92 -14.89 -10.40
CA LEU B 144 -5.20 -14.42 -11.58
C LEU B 144 -5.02 -15.53 -12.62
N GLY B 145 -5.33 -16.76 -12.22
CA GLY B 145 -5.14 -17.94 -13.07
C GLY B 145 -3.70 -18.08 -13.51
N THR B 146 -2.79 -17.58 -12.69
CA THR B 146 -1.37 -17.57 -13.04
C THR B 146 -0.54 -17.71 -11.76
N SER B 147 0.79 -17.67 -11.90
CA SER B 147 1.69 -17.91 -10.76
C SER B 147 1.89 -16.67 -9.91
N GLU B 148 2.31 -16.88 -8.67
CA GLU B 148 2.61 -15.79 -7.74
C GLU B 148 3.78 -14.96 -8.28
N ALA B 149 4.68 -15.60 -9.00
CA ALA B 149 5.79 -14.91 -9.63
C ALA B 149 5.31 -14.04 -10.79
N ALA B 150 4.26 -14.49 -11.46
CA ALA B 150 3.66 -13.69 -12.52
C ALA B 150 2.84 -12.54 -11.91
N ALA B 151 2.35 -12.74 -10.69
CA ALA B 151 1.64 -11.68 -10.00
C ALA B 151 2.56 -10.53 -9.61
N ARG B 152 3.73 -10.88 -9.05
CA ARG B 152 4.72 -9.88 -8.65
C ARG B 152 5.19 -9.07 -9.85
N GLN B 153 5.40 -9.74 -10.98
CA GLN B 153 5.80 -9.06 -12.21
C GLN B 153 4.67 -8.14 -12.70
N LEU B 154 3.46 -8.68 -12.76
CA LEU B 154 2.29 -7.90 -13.16
C LEU B 154 2.13 -6.68 -12.26
N ALA B 155 2.58 -6.80 -11.02
CA ALA B 155 2.61 -5.66 -10.11
C ALA B 155 3.86 -4.82 -10.31
N SER B 156 4.97 -5.50 -10.63
CA SER B 156 6.23 -4.80 -10.90
C SER B 156 6.10 -3.86 -12.08
N ARG B 157 5.32 -4.27 -13.09
CA ARG B 157 5.17 -3.50 -14.32
C ARG B 157 4.02 -2.50 -14.26
N ALA B 158 2.96 -2.86 -13.55
CA ALA B 158 1.83 -1.95 -13.38
C ALA B 158 2.25 -0.69 -12.64
N ARG B 159 3.13 -0.85 -11.65
CA ARG B 159 3.70 0.26 -10.91
C ARG B 159 4.52 1.19 -11.79
N LYS B 160 5.00 0.68 -12.92
CA LYS B 160 5.80 1.48 -13.83
C LYS B 160 4.90 2.33 -14.71
N ALA B 161 3.78 1.76 -15.14
CA ALA B 161 2.84 2.49 -16.00
C ALA B 161 2.17 3.63 -15.24
N VAL B 162 2.01 3.46 -13.93
CA VAL B 162 1.39 4.50 -13.09
C VAL B 162 2.29 5.74 -13.03
N THR B 163 3.55 5.55 -13.38
CA THR B 163 4.55 6.62 -13.33
C THR B 163 4.76 7.26 -14.70
N ASP B 174 -1.41 15.78 -2.50
CA ASP B 174 -0.83 17.08 -2.19
C ASP B 174 -1.64 17.80 -1.13
N PRO B 175 -0.98 18.15 -0.01
CA PRO B 175 -1.56 18.93 1.09
C PRO B 175 -2.13 20.28 0.67
N ALA B 176 -1.72 20.79 -0.49
CA ALA B 176 -2.24 22.07 -0.97
C ALA B 176 -3.59 21.90 -1.65
N HIS B 177 -4.04 20.65 -1.78
CA HIS B 177 -5.27 20.33 -2.51
C HIS B 177 -6.47 21.15 -2.07
N ASN B 178 -6.79 21.10 -0.78
CA ASN B 178 -7.87 21.89 -0.24
C ASN B 178 -7.64 23.38 -0.44
N GLU B 179 -6.42 23.83 -0.15
CA GLU B 179 -6.08 25.25 -0.28
C GLU B 179 -6.25 25.75 -1.71
N VAL B 180 -5.78 24.97 -2.67
CA VAL B 180 -5.83 25.38 -4.08
C VAL B 180 -7.26 25.54 -4.59
N VAL B 181 -8.12 24.55 -4.32
CA VAL B 181 -9.52 24.59 -4.76
C VAL B 181 -10.21 25.90 -4.44
N GLY B 182 -10.33 26.21 -3.14
CA GLY B 182 -11.01 27.40 -2.67
C GLY B 182 -10.51 28.69 -3.30
N ARG B 183 -9.23 28.71 -3.64
CA ARG B 183 -8.62 29.88 -4.27
C ARG B 183 -8.88 29.91 -5.77
N LEU B 184 -8.87 28.75 -6.43
CA LEU B 184 -9.29 28.67 -7.83
C LEU B 184 -10.77 29.01 -7.90
N ALA B 186 -12.53 30.93 -5.65
CA ALA B 186 -12.69 32.36 -5.41
C ALA B 186 -12.24 33.20 -6.59
N ALA B 187 -11.28 32.67 -7.34
CA ALA B 187 -10.64 33.40 -8.43
C ALA B 187 -11.57 33.68 -9.61
N ALA B 189 -14.61 33.35 -9.60
CA ALA B 189 -15.69 34.10 -8.96
C ALA B 189 -15.38 35.58 -8.98
N ALA B 190 -14.11 35.92 -8.95
CA ALA B 190 -13.66 37.29 -9.21
C ALA B 190 -13.44 37.46 -10.70
N GLY B 191 -12.91 36.42 -11.34
CA GLY B 191 -12.59 36.47 -12.75
C GLY B 191 -11.11 36.62 -12.98
N ASP B 192 -10.36 36.72 -11.89
CA ASP B 192 -8.92 36.91 -11.95
C ASP B 192 -8.23 35.78 -12.71
N LEU B 193 -7.18 36.15 -13.44
CA LEU B 193 -6.34 35.17 -14.09
C LEU B 193 -5.11 34.88 -13.23
N ASP B 194 -4.50 35.94 -12.70
CA ASP B 194 -3.29 35.86 -11.88
C ASP B 194 -3.31 34.68 -10.92
N THR B 195 -4.35 34.61 -10.08
CA THR B 195 -4.63 33.43 -9.29
C THR B 195 -4.71 32.20 -10.19
N VAL B 196 -5.72 32.16 -11.04
CA VAL B 196 -5.96 31.05 -11.95
C VAL B 196 -4.71 30.72 -12.79
N VAL B 197 -3.94 31.73 -13.17
CA VAL B 197 -2.66 31.47 -13.85
C VAL B 197 -1.67 30.81 -12.91
N SER B 198 -1.55 31.35 -11.70
CA SER B 198 -0.66 30.80 -10.69
C SER B 198 -1.23 29.54 -10.04
N LEU B 199 -2.52 29.28 -10.27
CA LEU B 199 -3.16 28.08 -9.75
C LEU B 199 -3.34 27.04 -10.84
N LEU B 200 -2.88 27.37 -12.04
CA LEU B 200 -2.85 26.42 -13.14
C LEU B 200 -1.43 26.26 -13.66
N HIS B 201 -1.21 25.19 -14.43
CA HIS B 201 0.12 24.88 -14.94
C HIS B 201 0.01 24.42 -16.39
N PRO B 202 0.93 24.87 -17.26
CA PRO B 202 0.96 24.61 -18.71
C PRO B 202 0.57 23.18 -19.12
N ASP B 203 0.64 22.24 -18.19
CA ASP B 203 0.14 20.89 -18.43
C ASP B 203 -1.14 20.65 -17.62
N VAL B 204 -1.97 21.68 -17.51
CA VAL B 204 -3.28 21.55 -16.88
C VAL B 204 -4.18 20.65 -17.72
N THR B 205 -4.94 19.79 -17.05
CA THR B 205 -5.81 18.84 -17.73
C THR B 205 -7.28 19.12 -17.42
N PHE B 206 -8.13 18.93 -18.44
CA PHE B 206 -9.58 19.07 -18.29
C PHE B 206 -10.26 18.04 -19.17
N THR B 207 -11.24 17.32 -18.62
CA THR B 207 -11.92 16.28 -19.38
C THR B 207 -13.38 16.11 -18.93
N GLY B 208 -14.23 15.67 -19.86
CA GLY B 208 -15.63 15.40 -19.56
C GLY B 208 -16.14 14.15 -20.25
N ASP B 209 -17.41 13.80 -20.02
CA ASP B 209 -17.99 12.55 -20.53
C ASP B 209 -18.64 12.73 -21.90
N SER B 210 -19.35 11.70 -22.38
CA SER B 210 -19.75 11.67 -23.80
C SER B 210 -20.84 10.69 -24.26
N ASN B 211 -21.07 9.61 -23.51
CA ASN B 211 -21.98 8.55 -23.96
C ASN B 211 -23.37 9.06 -24.30
N GLY B 212 -23.88 9.99 -23.49
CA GLY B 212 -25.05 10.76 -23.84
C GLY B 212 -24.59 12.12 -24.33
N LYS B 213 -25.52 12.98 -24.76
CA LYS B 213 -25.12 14.27 -25.32
C LYS B 213 -25.30 15.47 -24.39
N ALA B 214 -24.16 16.04 -23.99
CA ALA B 214 -24.12 17.32 -23.27
C ALA B 214 -22.87 18.07 -23.72
N PRO B 215 -22.87 19.41 -23.63
CA PRO B 215 -21.69 20.17 -24.06
C PRO B 215 -20.53 20.03 -23.09
N THR B 216 -19.50 19.27 -23.47
CA THR B 216 -18.39 18.99 -22.58
C THR B 216 -17.10 18.74 -23.36
N ALA B 217 -15.96 18.92 -22.69
CA ALA B 217 -14.67 18.64 -23.31
C ALA B 217 -14.38 17.15 -23.27
N VAL B 218 -15.13 16.39 -24.08
CA VAL B 218 -14.92 14.96 -24.20
C VAL B 218 -13.50 14.69 -24.66
N ARG B 219 -13.08 15.38 -25.71
CA ARG B 219 -11.69 15.35 -26.16
C ARG B 219 -10.76 15.76 -25.03
N ALA B 220 -9.59 15.14 -24.99
CA ALA B 220 -8.55 15.60 -24.08
C ALA B 220 -8.19 17.03 -24.47
N VAL B 221 -8.30 17.96 -23.52
CA VAL B 221 -8.01 19.36 -23.80
C VAL B 221 -6.76 19.79 -23.06
N ARG B 222 -5.72 20.11 -23.83
CA ARG B 222 -4.37 20.24 -23.28
C ARG B 222 -3.94 21.68 -22.99
N GLY B 223 -3.25 21.86 -21.87
CA GLY B 223 -2.62 23.13 -21.55
C GLY B 223 -3.55 24.16 -20.94
N SER B 224 -2.96 25.23 -20.41
CA SER B 224 -3.74 26.34 -19.88
C SER B 224 -4.64 26.94 -20.96
N ASP B 225 -4.01 27.48 -22.01
CA ASP B 225 -4.69 28.25 -23.05
C ASP B 225 -6.00 27.66 -23.58
N LYS B 226 -6.00 26.40 -23.99
CA LYS B 226 -7.20 25.78 -24.51
C LYS B 226 -8.26 25.57 -23.42
N VAL B 227 -7.83 25.07 -22.27
CA VAL B 227 -8.73 24.81 -21.14
C VAL B 227 -9.29 26.09 -20.49
N VAL B 228 -8.42 27.06 -20.22
CA VAL B 228 -8.83 28.30 -19.58
C VAL B 228 -9.90 29.04 -20.39
N ARG B 229 -9.66 29.20 -21.68
CA ARG B 229 -10.63 29.84 -22.56
C ARG B 229 -11.89 29.01 -22.69
N PHE B 230 -11.76 27.69 -22.50
CA PHE B 230 -12.88 26.78 -22.58
C PHE B 230 -13.88 27.02 -21.44
N ILE B 231 -13.36 27.26 -20.25
CA ILE B 231 -14.19 27.53 -19.08
C ILE B 231 -14.87 28.89 -19.17
N LEU B 232 -14.11 29.90 -19.53
CA LEU B 232 -14.64 31.24 -19.76
C LEU B 232 -15.73 31.18 -20.82
N GLY B 233 -15.54 30.28 -21.78
CA GLY B 233 -16.55 30.01 -22.79
C GLY B 233 -17.83 29.47 -22.16
N LEU B 234 -17.68 28.59 -21.18
CA LEU B 234 -18.82 28.06 -20.42
C LEU B 234 -19.58 29.18 -19.72
N VAL B 235 -18.83 30.09 -19.07
CA VAL B 235 -19.44 31.20 -18.36
C VAL B 235 -20.11 32.17 -19.33
N GLN B 236 -19.48 32.39 -20.48
CA GLN B 236 -20.10 33.19 -21.53
C GLN B 236 -21.27 32.42 -22.14
N ARG B 237 -21.26 31.10 -21.94
CA ARG B 237 -22.34 30.22 -22.39
C ARG B 237 -23.43 30.07 -21.34
N TYR B 238 -23.03 30.13 -20.06
CA TYR B 238 -23.94 29.83 -18.96
C TYR B 238 -24.21 31.01 -18.03
N GLY B 239 -23.26 31.94 -17.93
CA GLY B 239 -23.43 33.10 -17.07
C GLY B 239 -22.81 32.92 -15.70
N PRO B 240 -22.80 34.00 -14.90
CA PRO B 240 -22.25 34.05 -13.54
C PRO B 240 -23.11 33.30 -12.52
N GLY B 241 -24.29 32.86 -12.94
CA GLY B 241 -25.14 32.06 -12.08
C GLY B 241 -24.57 30.67 -11.86
N LEU B 242 -23.45 30.39 -12.55
CA LEU B 242 -22.71 29.13 -12.44
C LEU B 242 -22.34 28.80 -11.00
N PHE B 243 -21.78 29.79 -10.31
CA PHE B 243 -21.16 29.57 -9.02
C PHE B 243 -22.18 29.41 -7.89
N GLY B 244 -23.32 30.09 -8.02
CA GLY B 244 -24.37 30.01 -7.02
C GLY B 244 -25.05 28.66 -6.98
N ALA B 245 -25.07 27.97 -8.12
CA ALA B 245 -25.73 26.67 -8.21
C ALA B 245 -24.77 25.52 -7.90
N ASN B 246 -23.47 25.80 -7.91
CA ASN B 246 -22.49 24.78 -7.58
C ASN B 246 -22.20 24.76 -6.08
N GLN B 247 -22.21 23.56 -5.51
CA GLN B 247 -22.06 23.39 -4.07
C GLN B 247 -20.80 22.57 -3.76
N LEU B 248 -19.99 23.06 -2.82
CA LEU B 248 -18.79 22.35 -2.42
C LEU B 248 -19.15 21.04 -1.71
N ALA B 249 -18.47 19.97 -2.09
CA ALA B 249 -18.74 18.66 -1.53
C ALA B 249 -17.56 17.73 -1.71
N LEU B 250 -17.50 16.70 -0.88
CA LEU B 250 -16.44 15.70 -1.01
C LEU B 250 -16.71 14.80 -2.21
N VAL B 251 -15.85 14.93 -3.22
CA VAL B 251 -15.95 14.14 -4.43
C VAL B 251 -14.83 13.09 -4.44
N ASN B 252 -15.18 11.85 -4.09
CA ASN B 252 -14.23 10.76 -3.88
C ASN B 252 -13.21 11.12 -2.80
N GLY B 253 -13.70 11.66 -1.69
CA GLY B 253 -12.86 12.00 -0.57
C GLY B 253 -12.17 13.35 -0.70
N GLU B 254 -12.18 13.92 -1.90
CA GLU B 254 -11.54 15.20 -2.13
C GLU B 254 -12.57 16.30 -2.38
N LEU B 255 -12.23 17.52 -1.98
CA LEU B 255 -13.09 18.67 -2.16
C LEU B 255 -13.40 18.88 -3.65
N GLY B 256 -14.69 18.98 -3.96
CA GLY B 256 -15.15 19.19 -5.32
C GLY B 256 -16.52 19.82 -5.30
N ALA B 257 -17.23 19.76 -6.42
CA ALA B 257 -18.53 20.41 -6.49
C ALA B 257 -19.54 19.67 -7.37
N TYR B 258 -20.82 19.91 -7.08
CA TYR B 258 -21.91 19.43 -7.91
C TYR B 258 -22.99 20.51 -7.98
N THR B 259 -23.72 20.55 -9.09
CA THR B 259 -24.76 21.57 -9.26
C THR B 259 -26.09 20.96 -9.66
N ALA B 260 -27.17 21.60 -9.23
CA ALA B 260 -28.51 21.14 -9.55
C ALA B 260 -28.84 21.33 -11.03
N GLY B 261 -28.21 22.33 -11.63
CA GLY B 261 -28.44 22.64 -13.03
C GLY B 261 -29.10 23.99 -13.21
N LEU B 262 -29.12 24.49 -14.45
CA LEU B 262 -29.70 25.80 -14.74
C LEU B 262 -30.42 25.83 -16.09
N PRO B 263 -31.47 26.66 -16.19
CA PRO B 263 -32.20 26.83 -17.46
C PRO B 263 -31.63 27.97 -18.30
N GLY B 264 -30.62 28.65 -17.78
CA GLY B 264 -30.07 29.82 -18.46
C GLY B 264 -31.13 30.87 -18.68
N VAL B 265 -31.98 31.08 -17.68
CA VAL B 265 -33.13 31.98 -17.79
C VAL B 265 -32.73 33.42 -18.19
N ASP B 266 -31.51 33.80 -17.85
CA ASP B 266 -31.06 35.18 -18.01
C ASP B 266 -30.53 35.42 -19.42
N GLY B 267 -30.94 34.56 -20.35
CA GLY B 267 -30.51 34.70 -21.73
C GLY B 267 -29.31 33.84 -22.08
N TYR B 268 -28.75 33.18 -21.07
CA TYR B 268 -27.64 32.25 -21.29
C TYR B 268 -28.20 30.88 -21.66
N ARG B 269 -27.32 29.98 -22.06
CA ARG B 269 -27.74 28.62 -22.43
C ARG B 269 -28.11 27.81 -21.20
N ALA B 270 -29.07 26.90 -21.36
CA ALA B 270 -29.48 26.03 -20.26
C ALA B 270 -28.30 25.16 -19.79
N ALA B 272 -27.04 21.95 -17.73
CA ALA B 272 -27.38 20.67 -17.14
C ALA B 272 -26.57 20.42 -15.87
N PRO B 273 -27.20 19.77 -14.87
CA PRO B 273 -26.54 19.40 -13.62
C PRO B 273 -25.26 18.60 -13.86
N ARG B 274 -24.24 18.85 -13.04
CA ARG B 274 -22.96 18.19 -13.21
C ARG B 274 -22.18 18.03 -11.90
N ILE B 275 -21.21 17.13 -11.90
CA ILE B 275 -20.30 16.95 -10.77
C ILE B 275 -18.90 17.32 -11.18
N THR B 276 -18.23 18.12 -10.34
CA THR B 276 -16.92 18.67 -10.69
C THR B 276 -15.81 18.06 -9.84
N ALA B 277 -14.75 17.60 -10.48
CA ALA B 277 -13.64 16.96 -9.78
C ALA B 277 -12.31 17.65 -10.09
N ILE B 278 -11.55 17.96 -9.05
CA ILE B 278 -10.30 18.73 -9.21
C ILE B 278 -9.09 18.03 -8.60
N THR B 279 -8.03 17.89 -9.39
CA THR B 279 -6.81 17.24 -8.93
C THR B 279 -5.68 18.24 -8.68
N VAL B 280 -5.23 18.31 -7.43
CA VAL B 280 -4.17 19.23 -7.07
C VAL B 280 -2.88 18.53 -6.67
N ARG B 281 -1.80 18.82 -7.39
CA ARG B 281 -0.46 18.44 -6.97
C ARG B 281 0.52 19.59 -7.26
N ASP B 282 1.57 19.66 -6.44
CA ASP B 282 2.59 20.74 -6.50
C ASP B 282 2.03 22.10 -6.12
N GLY B 283 0.96 22.11 -5.33
CA GLY B 283 0.33 23.36 -4.94
C GLY B 283 -0.36 24.02 -6.12
N LYS B 284 -0.69 23.22 -7.13
CA LYS B 284 -1.33 23.72 -8.35
C LYS B 284 -2.38 22.73 -8.82
N VAL B 285 -3.34 23.20 -9.63
CA VAL B 285 -4.33 22.32 -10.22
C VAL B 285 -3.71 21.50 -11.34
N CYS B 286 -3.70 20.18 -11.18
CA CYS B 286 -3.22 19.30 -12.23
C CYS B 286 -4.34 18.94 -13.19
N ALA B 287 -5.56 18.85 -12.67
CA ALA B 287 -6.66 18.36 -13.47
C ALA B 287 -8.04 18.89 -13.09
N LEU B 288 -8.91 18.97 -14.09
CA LEU B 288 -10.32 19.29 -13.89
C LEU B 288 -11.15 18.21 -14.57
N TRP B 289 -11.93 17.45 -13.79
CA TRP B 289 -12.72 16.37 -14.37
C TRP B 289 -14.20 16.70 -14.34
N ASP B 290 -14.81 16.80 -15.53
CA ASP B 290 -16.19 17.25 -15.66
C ASP B 290 -17.17 16.11 -15.84
N ILE B 291 -17.65 15.57 -14.73
CA ILE B 291 -18.66 14.52 -14.76
C ILE B 291 -20.02 15.11 -15.18
N ALA B 292 -20.65 14.51 -16.19
CA ALA B 292 -21.93 15.01 -16.69
C ALA B 292 -22.90 13.91 -17.13
N ASN B 293 -22.45 12.66 -17.14
CA ASN B 293 -23.31 11.55 -17.55
C ASN B 293 -24.24 11.12 -16.42
N PRO B 294 -25.56 11.15 -16.67
CA PRO B 294 -26.55 10.70 -15.68
C PRO B 294 -26.31 9.27 -15.25
N ASP B 295 -25.83 8.42 -16.17
CA ASP B 295 -25.52 7.04 -15.86
C ASP B 295 -24.36 6.93 -14.88
N LYS B 296 -23.53 7.99 -14.82
CA LYS B 296 -22.44 8.04 -13.85
C LYS B 296 -22.70 9.10 -12.78
N PHE B 297 -23.96 9.51 -12.65
CA PHE B 297 -24.43 10.31 -11.52
C PHE B 297 -24.47 9.46 -10.26
N THR B 298 -24.65 8.16 -10.46
CA THR B 298 -25.21 7.26 -9.45
C THR B 298 -24.59 7.34 -8.04
N GLY B 299 -23.28 7.44 -7.95
CA GLY B 299 -22.65 7.59 -6.64
C GLY B 299 -22.66 9.02 -6.13
N SER B 300 -23.86 9.62 -6.03
CA SER B 300 -23.99 11.04 -5.69
C SER B 300 -25.42 11.40 -5.26
N PRO B 301 -25.62 12.63 -4.73
CA PRO B 301 -26.97 13.06 -4.38
C PRO B 301 -27.78 13.65 -5.52
N LEU B 302 -27.37 13.42 -6.77
CA LEU B 302 -28.03 14.06 -7.91
C LEU B 302 -29.26 13.30 -8.43
N LYS B 303 -29.72 12.32 -7.67
CA LYS B 303 -30.91 11.53 -8.00
C LYS B 303 -30.84 10.92 -9.41
#